data_1UAO
#
_entry.id   1UAO
#
_cell.length_a   1.000
_cell.length_b   1.000
_cell.length_c   1.000
_cell.angle_alpha   90.00
_cell.angle_beta   90.00
_cell.angle_gamma   90.00
#
_symmetry.space_group_name_H-M   'P 1'
#
_entity_poly.entity_id   1
_entity_poly.type   'polypeptide(L)'
_entity_poly.pdbx_seq_one_letter_code
;GYDPETGTWG
;
_entity_poly.pdbx_strand_id   A
#
# COMPACT_ATOMS: atom_id res chain seq x y z
N GLY A 1 -5.16 3.05 -4.14
CA GLY A 1 -5.15 1.57 -4.20
C GLY A 1 -4.23 1.02 -3.10
N TYR A 2 -4.05 -0.27 -3.05
CA TYR A 2 -3.18 -0.86 -2.00
C TYR A 2 -1.73 -0.82 -2.46
N ASP A 3 -0.98 0.15 -2.04
CA ASP A 3 0.44 0.24 -2.45
C ASP A 3 1.24 -0.87 -1.75
N PRO A 4 1.76 -1.78 -2.51
CA PRO A 4 2.55 -2.91 -1.98
C PRO A 4 3.95 -2.43 -1.58
N GLU A 5 4.32 -1.25 -1.99
CA GLU A 5 5.66 -0.73 -1.62
C GLU A 5 5.77 -0.64 -0.11
N THR A 6 4.71 -0.24 0.54
CA THR A 6 4.73 -0.13 2.02
C THR A 6 3.90 -1.27 2.62
N GLY A 7 2.98 -1.81 1.85
CA GLY A 7 2.14 -2.93 2.36
C GLY A 7 0.87 -2.36 2.99
N THR A 8 0.35 -1.29 2.47
CA THR A 8 -0.89 -0.71 3.05
C THR A 8 -1.56 0.22 2.04
N TRP A 9 -2.79 0.58 2.29
CA TRP A 9 -3.52 1.48 1.34
C TRP A 9 -2.90 2.88 1.41
N GLY A 10 -2.17 3.27 0.41
CA GLY A 10 -1.54 4.62 0.42
C GLY A 10 -2.60 5.67 0.79
N GLY A 1 -6.09 2.47 -3.94
CA GLY A 1 -5.30 1.28 -4.35
C GLY A 1 -4.47 0.78 -3.17
N TYR A 2 -4.01 -0.43 -3.24
CA TYR A 2 -3.18 -0.98 -2.11
C TYR A 2 -1.70 -0.77 -2.42
N ASP A 3 -1.06 0.10 -1.71
CA ASP A 3 0.40 0.34 -1.95
C ASP A 3 1.21 -0.80 -1.32
N PRO A 4 1.86 -1.58 -2.16
CA PRO A 4 2.68 -2.72 -1.70
C PRO A 4 4.03 -2.22 -1.18
N GLU A 5 4.50 -1.11 -1.69
CA GLU A 5 5.80 -0.58 -1.22
C GLU A 5 5.81 -0.51 0.31
N THR A 6 4.74 -0.05 0.89
CA THR A 6 4.69 0.05 2.38
C THR A 6 3.91 -1.15 2.94
N GLY A 7 3.12 -1.80 2.12
CA GLY A 7 2.35 -2.97 2.61
C GLY A 7 0.98 -2.50 3.10
N THR A 8 0.51 -1.39 2.62
CA THR A 8 -0.82 -0.88 3.08
C THR A 8 -1.35 0.13 2.06
N TRP A 9 -2.58 0.54 2.22
CA TRP A 9 -3.17 1.53 1.27
C TRP A 9 -2.47 2.88 1.45
N GLY A 10 -1.66 3.27 0.50
CA GLY A 10 -0.96 4.58 0.62
C GLY A 10 -1.80 5.67 -0.05
N GLY A 1 -6.52 0.97 -4.34
CA GLY A 1 -5.11 1.45 -4.50
C GLY A 1 -4.27 0.97 -3.33
N TYR A 2 -4.00 -0.31 -3.26
CA TYR A 2 -3.17 -0.84 -2.14
C TYR A 2 -1.70 -0.67 -2.47
N ASP A 3 -1.03 0.21 -1.78
CA ASP A 3 0.42 0.42 -2.06
C ASP A 3 1.21 -0.76 -1.47
N PRO A 4 1.83 -1.54 -2.34
CA PRO A 4 2.61 -2.71 -1.93
C PRO A 4 3.97 -2.26 -1.36
N GLU A 5 4.48 -1.15 -1.83
CA GLU A 5 5.78 -0.66 -1.31
C GLU A 5 5.64 -0.37 0.18
N THR A 6 4.51 0.12 0.60
CA THR A 6 4.31 0.42 2.04
C THR A 6 3.63 -0.78 2.72
N GLY A 7 3.05 -1.65 1.94
CA GLY A 7 2.37 -2.83 2.53
C GLY A 7 1.02 -2.41 3.10
N THR A 8 0.52 -1.28 2.68
CA THR A 8 -0.80 -0.83 3.21
C THR A 8 -1.39 0.23 2.26
N TRP A 9 -2.61 0.62 2.49
CA TRP A 9 -3.25 1.62 1.62
C TRP A 9 -2.57 2.99 1.83
N GLY A 10 -1.88 3.47 0.84
CA GLY A 10 -1.19 4.79 0.98
C GLY A 10 -1.58 5.69 -0.19
N GLY A 1 -4.51 1.77 -5.22
CA GLY A 1 -5.15 1.88 -3.88
C GLY A 1 -4.24 1.25 -2.82
N TYR A 2 -4.01 -0.03 -2.92
CA TYR A 2 -3.12 -0.69 -1.91
C TYR A 2 -1.67 -0.63 -2.39
N ASP A 3 -0.89 0.24 -1.83
CA ASP A 3 0.54 0.33 -2.24
C ASP A 3 1.29 -0.87 -1.67
N PRO A 4 1.80 -1.71 -2.55
CA PRO A 4 2.55 -2.91 -2.15
C PRO A 4 3.95 -2.52 -1.63
N GLU A 5 4.48 -1.43 -2.09
CA GLU A 5 5.82 -0.99 -1.60
C GLU A 5 5.70 -0.60 -0.14
N THR A 6 4.53 -0.23 0.28
CA THR A 6 4.32 0.18 1.70
C THR A 6 3.58 -0.95 2.44
N GLY A 7 2.94 -1.82 1.70
CA GLY A 7 2.21 -2.95 2.35
C GLY A 7 0.94 -2.40 3.03
N THR A 8 0.44 -1.30 2.59
CA THR A 8 -0.80 -0.74 3.22
C THR A 8 -1.47 0.25 2.27
N TRP A 9 -2.70 0.58 2.54
CA TRP A 9 -3.43 1.54 1.67
C TRP A 9 -2.82 2.93 1.83
N GLY A 10 -3.47 3.94 1.33
CA GLY A 10 -2.93 5.32 1.47
C GLY A 10 -3.50 6.22 0.36
N GLY A 1 -6.59 0.71 -4.82
CA GLY A 1 -5.15 0.65 -5.18
C GLY A 1 -4.31 0.35 -3.94
N TYR A 2 -4.08 -0.91 -3.66
CA TYR A 2 -3.28 -1.27 -2.46
C TYR A 2 -1.81 -0.96 -2.74
N ASP A 3 -1.13 -0.37 -1.79
CA ASP A 3 0.31 -0.04 -2.00
C ASP A 3 1.17 -1.15 -1.39
N PRO A 4 1.80 -1.92 -2.24
CA PRO A 4 2.67 -3.03 -1.80
C PRO A 4 4.02 -2.48 -1.31
N GLU A 5 4.44 -1.36 -1.82
CA GLU A 5 5.73 -0.78 -1.38
C GLU A 5 5.75 -0.69 0.15
N THR A 6 4.75 -0.07 0.71
CA THR A 6 4.68 0.06 2.20
C THR A 6 3.72 -1.00 2.76
N GLY A 7 3.04 -1.70 1.88
CA GLY A 7 2.08 -2.76 2.36
C GLY A 7 0.86 -2.10 3.01
N THR A 8 0.47 -0.96 2.52
CA THR A 8 -0.72 -0.27 3.13
C THR A 8 -1.29 0.74 2.14
N TRP A 9 -2.55 1.06 2.29
CA TRP A 9 -3.19 2.04 1.38
C TRP A 9 -2.62 3.44 1.65
N GLY A 10 -2.31 3.74 2.87
CA GLY A 10 -1.75 5.10 3.20
C GLY A 10 -0.23 5.05 3.15
N GLY A 1 -6.01 2.67 -4.13
CA GLY A 1 -5.39 1.36 -4.46
C GLY A 1 -4.44 0.93 -3.34
N TYR A 2 -4.21 -0.35 -3.20
CA TYR A 2 -3.30 -0.82 -2.13
C TYR A 2 -1.85 -0.47 -2.49
N ASP A 3 -0.96 -0.57 -1.55
CA ASP A 3 0.46 -0.24 -1.83
C ASP A 3 1.34 -1.43 -1.41
N PRO A 4 1.94 -2.08 -2.37
CA PRO A 4 2.81 -3.24 -2.12
C PRO A 4 4.19 -2.78 -1.61
N GLU A 5 4.70 -1.71 -2.13
CA GLU A 5 6.04 -1.22 -1.68
C GLU A 5 5.96 -0.88 -0.19
N THR A 6 4.94 -0.16 0.19
CA THR A 6 4.80 0.21 1.63
C THR A 6 4.16 -0.97 2.38
N GLY A 7 2.97 -1.32 2.03
CA GLY A 7 2.29 -2.47 2.70
C GLY A 7 0.92 -2.04 3.20
N THR A 8 0.35 -1.02 2.63
CA THR A 8 -1.00 -0.56 3.09
C THR A 8 -1.65 0.29 2.01
N TRP A 9 -2.90 0.64 2.21
CA TRP A 9 -3.62 1.47 1.21
C TRP A 9 -3.04 2.89 1.20
N GLY A 10 -2.77 3.43 2.35
CA GLY A 10 -2.20 4.81 2.42
C GLY A 10 -3.24 5.76 3.02
N GLY A 1 -6.41 1.08 -4.21
CA GLY A 1 -5.11 1.79 -4.17
C GLY A 1 -4.25 1.24 -3.02
N TYR A 2 -3.67 0.08 -3.19
CA TYR A 2 -2.82 -0.49 -2.12
C TYR A 2 -1.38 -0.59 -2.59
N ASP A 3 -0.53 0.27 -2.10
CA ASP A 3 0.90 0.23 -2.51
C ASP A 3 1.60 -0.92 -1.77
N PRO A 4 2.04 -1.90 -2.52
CA PRO A 4 2.73 -3.06 -1.94
C PRO A 4 4.17 -2.71 -1.59
N GLU A 5 4.72 -1.70 -2.22
CA GLU A 5 6.11 -1.30 -1.91
C GLU A 5 6.26 -1.07 -0.42
N THR A 6 5.18 -0.74 0.25
CA THR A 6 5.25 -0.51 1.72
C THR A 6 4.30 -1.48 2.43
N GLY A 7 3.06 -1.51 2.02
CA GLY A 7 2.09 -2.44 2.67
C GLY A 7 1.08 -1.64 3.49
N THR A 8 0.31 -0.79 2.85
CA THR A 8 -0.69 0.02 3.60
C THR A 8 -1.89 0.32 2.71
N TRP A 9 -3.04 0.41 3.30
CA TRP A 9 -4.25 0.69 2.52
C TRP A 9 -4.32 2.17 2.16
N GLY A 10 -3.58 3.00 2.86
CA GLY A 10 -3.59 4.45 2.56
C GLY A 10 -3.22 4.67 1.09
N GLY A 1 -4.31 1.21 -5.72
CA GLY A 1 -4.87 1.59 -4.39
C GLY A 1 -3.99 1.00 -3.28
N TYR A 2 -3.99 -0.30 -3.15
CA TYR A 2 -3.15 -0.93 -2.09
C TYR A 2 -1.68 -0.80 -2.43
N ASP A 3 -0.93 -0.10 -1.63
CA ASP A 3 0.53 0.07 -1.91
C ASP A 3 1.28 -1.19 -1.42
N PRO A 4 1.84 -1.92 -2.36
CA PRO A 4 2.59 -3.15 -2.05
C PRO A 4 3.99 -2.81 -1.51
N GLU A 5 4.58 -1.75 -1.99
CA GLU A 5 5.93 -1.37 -1.49
C GLU A 5 5.84 -0.91 -0.03
N THR A 6 4.99 0.05 0.24
CA THR A 6 4.86 0.53 1.65
C THR A 6 3.95 -0.44 2.42
N GLY A 7 3.14 -1.18 1.72
CA GLY A 7 2.24 -2.14 2.40
C GLY A 7 1.26 -1.39 3.30
N THR A 8 0.48 -0.50 2.74
CA THR A 8 -0.50 0.27 3.56
C THR A 8 -1.76 0.52 2.76
N TRP A 9 -2.87 0.61 3.42
CA TRP A 9 -4.14 0.84 2.71
C TRP A 9 -4.38 2.35 2.54
N GLY A 10 -3.34 3.09 2.27
CA GLY A 10 -3.50 4.56 2.10
C GLY A 10 -3.18 5.28 3.41
N GLY A 1 -4.45 2.42 -5.20
CA GLY A 1 -4.95 1.13 -4.63
C GLY A 1 -4.10 0.73 -3.44
N TYR A 2 -3.83 -0.54 -3.28
CA TYR A 2 -3.00 -1.00 -2.13
C TYR A 2 -1.52 -0.95 -2.52
N ASP A 3 -0.78 -0.04 -1.97
CA ASP A 3 0.67 0.05 -2.31
C ASP A 3 1.42 -1.12 -1.64
N PRO A 4 1.94 -2.01 -2.45
CA PRO A 4 2.69 -3.17 -1.96
C PRO A 4 4.10 -2.78 -1.52
N GLU A 5 4.64 -1.73 -2.09
CA GLU A 5 6.01 -1.30 -1.70
C GLU A 5 6.07 -1.12 -0.18
N THR A 6 5.23 -0.29 0.37
CA THR A 6 5.24 -0.09 1.85
C THR A 6 4.27 -1.07 2.51
N GLY A 7 3.14 -1.30 1.88
CA GLY A 7 2.15 -2.25 2.47
C GLY A 7 1.16 -1.46 3.33
N THR A 8 0.34 -0.65 2.71
CA THR A 8 -0.65 0.14 3.48
C THR A 8 -1.88 0.41 2.63
N TRP A 9 -3.01 0.57 3.25
CA TRP A 9 -4.25 0.82 2.50
C TRP A 9 -4.35 2.31 2.15
N GLY A 10 -4.31 3.16 3.14
CA GLY A 10 -4.42 4.62 2.88
C GLY A 10 -3.30 5.36 3.62
N GLY A 1 -4.11 2.12 -5.31
CA GLY A 1 -4.85 1.17 -4.44
C GLY A 1 -3.91 0.63 -3.36
N TYR A 2 -3.94 -0.65 -3.11
CA TYR A 2 -3.06 -1.23 -2.06
C TYR A 2 -1.60 -1.09 -2.49
N ASP A 3 -0.81 -0.40 -1.71
CA ASP A 3 0.62 -0.22 -2.07
C ASP A 3 1.42 -1.44 -1.59
N PRO A 4 1.95 -2.20 -2.52
CA PRO A 4 2.73 -3.39 -2.20
C PRO A 4 4.15 -3.01 -1.75
N GLU A 5 4.52 -1.78 -1.95
CA GLU A 5 5.88 -1.34 -1.55
C GLU A 5 5.86 -0.95 -0.07
N THR A 6 4.97 -0.08 0.32
CA THR A 6 4.90 0.33 1.75
C THR A 6 4.09 -0.69 2.54
N GLY A 7 2.95 -1.09 2.02
CA GLY A 7 2.11 -2.09 2.74
C GLY A 7 1.13 -1.37 3.66
N THR A 8 0.25 -0.58 3.12
CA THR A 8 -0.74 0.14 3.97
C THR A 8 -1.95 0.53 3.13
N TRP A 9 -3.07 0.69 3.76
CA TRP A 9 -4.29 1.07 3.02
C TRP A 9 -4.46 2.59 3.05
N GLY A 10 -3.89 3.28 2.10
CA GLY A 10 -4.02 4.76 2.08
C GLY A 10 -3.47 5.35 3.38
N GLY A 1 -4.26 2.76 -4.96
CA GLY A 1 -4.73 1.41 -4.51
C GLY A 1 -3.78 0.86 -3.45
N TYR A 2 -3.85 -0.42 -3.20
CA TYR A 2 -2.94 -1.01 -2.17
C TYR A 2 -1.51 -1.06 -2.71
N ASP A 3 -0.67 -0.18 -2.26
CA ASP A 3 0.74 -0.17 -2.74
C ASP A 3 1.56 -1.17 -1.92
N PRO A 4 2.08 -2.18 -2.57
CA PRO A 4 2.89 -3.20 -1.90
C PRO A 4 4.30 -2.68 -1.60
N GLU A 5 4.68 -1.60 -2.24
CA GLU A 5 6.03 -1.02 -2.00
C GLU A 5 6.05 -0.40 -0.59
N THR A 6 4.90 -0.18 -0.02
CA THR A 6 4.85 0.42 1.34
C THR A 6 4.21 -0.58 2.31
N GLY A 7 3.04 -1.05 1.99
CA GLY A 7 2.36 -2.03 2.88
C GLY A 7 1.29 -1.32 3.72
N THR A 8 0.41 -0.60 3.10
CA THR A 8 -0.66 0.11 3.86
C THR A 8 -1.83 0.42 2.94
N TRP A 9 -3.00 0.53 3.51
CA TRP A 9 -4.18 0.83 2.69
C TRP A 9 -4.31 2.33 2.49
N GLY A 10 -4.69 3.04 3.51
CA GLY A 10 -4.83 4.53 3.38
C GLY A 10 -3.70 5.21 4.14
N GLY A 1 -4.44 1.69 -5.45
CA GLY A 1 -5.09 1.81 -4.12
C GLY A 1 -4.16 1.26 -3.04
N TYR A 2 -3.92 -0.03 -3.04
CA TYR A 2 -3.02 -0.61 -2.01
C TYR A 2 -1.57 -0.55 -2.50
N ASP A 3 -0.70 0.01 -1.71
CA ASP A 3 0.73 0.10 -2.13
C ASP A 3 1.47 -1.16 -1.67
N PRO A 4 1.92 -1.95 -2.62
CA PRO A 4 2.65 -3.19 -2.33
C PRO A 4 4.09 -2.89 -1.94
N GLU A 5 4.52 -1.67 -2.11
CA GLU A 5 5.92 -1.31 -1.75
C GLU A 5 6.00 -1.07 -0.23
N THR A 6 5.21 -0.16 0.27
CA THR A 6 5.25 0.13 1.74
C THR A 6 4.32 -0.85 2.46
N GLY A 7 3.14 -1.06 1.95
CA GLY A 7 2.19 -1.99 2.61
C GLY A 7 1.22 -1.21 3.50
N THR A 8 0.32 -0.49 2.90
CA THR A 8 -0.65 0.29 3.71
C THR A 8 -1.93 0.51 2.92
N TRP A 9 -3.04 0.66 3.59
CA TRP A 9 -4.31 0.87 2.89
C TRP A 9 -4.59 2.36 2.73
N GLY A 10 -3.70 3.07 2.10
CA GLY A 10 -3.91 4.54 1.92
C GLY A 10 -5.35 4.80 1.49
N GLY A 1 -4.35 3.01 -4.70
CA GLY A 1 -5.10 1.87 -4.09
C GLY A 1 -4.24 1.21 -3.02
N TYR A 2 -3.78 0.01 -3.26
CA TYR A 2 -2.93 -0.69 -2.25
C TYR A 2 -1.47 -0.69 -2.72
N ASP A 3 -0.62 0.04 -2.06
CA ASP A 3 0.82 0.07 -2.47
C ASP A 3 1.59 -0.97 -1.65
N PRO A 4 2.17 -1.93 -2.32
CA PRO A 4 2.95 -3.00 -1.66
C PRO A 4 4.34 -2.46 -1.29
N GLU A 5 4.81 -1.45 -1.95
CA GLU A 5 6.15 -0.90 -1.63
C GLU A 5 6.23 -0.59 -0.13
N THR A 6 5.11 -0.43 0.51
CA THR A 6 5.11 -0.12 1.96
C THR A 6 4.18 -1.10 2.69
N GLY A 7 2.99 -1.29 2.18
CA GLY A 7 2.05 -2.23 2.84
C GLY A 7 1.04 -1.46 3.68
N THR A 8 0.21 -0.65 3.06
CA THR A 8 -0.79 0.13 3.83
C THR A 8 -2.04 0.34 2.99
N TRP A 9 -3.17 0.45 3.63
CA TRP A 9 -4.42 0.64 2.88
C TRP A 9 -4.70 2.15 2.71
N GLY A 10 -3.68 2.91 2.38
CA GLY A 10 -3.90 4.37 2.19
C GLY A 10 -2.67 4.98 1.52
N GLY A 1 -4.90 1.78 -4.72
CA GLY A 1 -4.92 2.45 -3.39
C GLY A 1 -4.01 1.70 -2.42
N TYR A 2 -3.73 0.47 -2.70
CA TYR A 2 -2.84 -0.32 -1.79
C TYR A 2 -1.42 -0.35 -2.37
N ASP A 3 -0.47 0.18 -1.65
CA ASP A 3 0.93 0.17 -2.15
C ASP A 3 1.65 -1.08 -1.63
N PRO A 4 2.07 -1.93 -2.54
CA PRO A 4 2.78 -3.17 -2.19
C PRO A 4 4.23 -2.87 -1.81
N GLU A 5 4.75 -1.75 -2.24
CA GLU A 5 6.16 -1.39 -1.90
C GLU A 5 6.25 -1.13 -0.40
N THR A 6 5.30 -0.42 0.15
CA THR A 6 5.33 -0.14 1.62
C THR A 6 4.34 -1.05 2.33
N GLY A 7 3.10 -0.99 1.96
CA GLY A 7 2.07 -1.86 2.60
C GLY A 7 1.05 -0.99 3.35
N THR A 8 0.11 -0.44 2.64
CA THR A 8 -0.92 0.41 3.32
C THR A 8 -2.21 0.41 2.52
N TRP A 9 -3.31 0.54 3.19
CA TRP A 9 -4.61 0.54 2.49
C TRP A 9 -4.97 1.96 2.05
N GLY A 10 -4.07 2.88 2.18
CA GLY A 10 -4.37 4.28 1.78
C GLY A 10 -3.21 5.20 2.21
N GLY A 1 -4.31 3.09 -3.95
CA GLY A 1 -4.89 1.81 -3.49
C GLY A 1 -3.96 1.16 -2.47
N TYR A 2 -3.68 -0.11 -2.62
CA TYR A 2 -2.77 -0.79 -1.66
C TYR A 2 -1.33 -0.75 -2.18
N ASP A 3 -0.48 0.01 -1.56
CA ASP A 3 0.93 0.08 -2.03
C ASP A 3 1.65 -1.22 -1.66
N PRO A 4 2.05 -1.97 -2.66
CA PRO A 4 2.75 -3.24 -2.45
C PRO A 4 4.20 -2.99 -2.03
N GLU A 5 4.65 -1.77 -2.12
CA GLU A 5 6.04 -1.45 -1.72
C GLU A 5 6.10 -1.30 -0.21
N THR A 6 5.10 -0.67 0.37
CA THR A 6 5.07 -0.49 1.85
C THR A 6 3.93 -1.33 2.42
N GLY A 7 2.75 -1.17 1.89
CA GLY A 7 1.59 -1.96 2.40
C GLY A 7 0.70 -1.06 3.27
N THR A 8 -0.20 -0.33 2.66
CA THR A 8 -1.09 0.55 3.46
C THR A 8 -2.32 0.91 2.65
N TRP A 9 -3.47 0.84 3.27
CA TRP A 9 -4.73 1.16 2.56
C TRP A 9 -4.89 2.69 2.48
N GLY A 10 -4.36 3.30 1.46
CA GLY A 10 -4.48 4.77 1.33
C GLY A 10 -4.02 5.20 -0.06
N GLY A 1 -4.94 2.42 -4.72
CA GLY A 1 -5.17 0.99 -4.38
C GLY A 1 -4.17 0.54 -3.32
N TYR A 2 -3.94 -0.74 -3.22
CA TYR A 2 -2.96 -1.26 -2.21
C TYR A 2 -1.54 -1.05 -2.73
N ASP A 3 -0.64 -0.63 -1.88
CA ASP A 3 0.76 -0.43 -2.33
C ASP A 3 1.63 -1.60 -1.83
N PRO A 4 2.18 -2.34 -2.76
CA PRO A 4 3.04 -3.49 -2.43
C PRO A 4 4.42 -3.02 -1.96
N GLU A 5 4.70 -1.76 -2.09
CA GLU A 5 6.02 -1.23 -1.65
C GLU A 5 5.96 -0.93 -0.16
N THR A 6 4.96 -0.21 0.28
CA THR A 6 4.84 0.12 1.72
C THR A 6 3.82 -0.83 2.37
N GLY A 7 2.67 -0.98 1.77
CA GLY A 7 1.65 -1.90 2.35
C GLY A 7 0.73 -1.10 3.28
N THR A 8 0.04 -0.12 2.76
CA THR A 8 -0.88 0.68 3.61
C THR A 8 -2.18 0.93 2.88
N TRP A 9 -3.26 1.05 3.60
CA TRP A 9 -4.56 1.29 2.95
C TRP A 9 -4.91 2.78 3.03
N GLY A 10 -3.98 3.59 3.42
CA GLY A 10 -4.27 5.06 3.52
C GLY A 10 -3.21 5.84 2.73
N GLY A 1 -5.92 2.45 -3.20
CA GLY A 1 -5.07 1.42 -3.87
C GLY A 1 -4.06 0.86 -2.86
N TYR A 2 -3.86 -0.43 -2.89
CA TYR A 2 -2.89 -1.04 -1.93
C TYR A 2 -1.47 -0.90 -2.47
N ASP A 3 -0.55 -0.49 -1.65
CA ASP A 3 0.86 -0.32 -2.11
C ASP A 3 1.67 -1.56 -1.70
N PRO A 4 2.15 -2.29 -2.68
CA PRO A 4 2.95 -3.50 -2.43
C PRO A 4 4.38 -3.11 -2.02
N GLU A 5 4.69 -1.84 -2.05
CA GLU A 5 6.05 -1.40 -1.65
C GLU A 5 6.10 -1.19 -0.14
N THR A 6 5.14 -0.48 0.40
CA THR A 6 5.12 -0.23 1.87
C THR A 6 3.99 -1.06 2.49
N GLY A 7 2.84 -1.10 1.85
CA GLY A 7 1.71 -1.88 2.40
C GLY A 7 0.79 -0.96 3.20
N THR A 8 -0.06 -0.23 2.54
CA THR A 8 -0.99 0.69 3.26
C THR A 8 -2.27 0.87 2.47
N TRP A 9 -3.36 1.10 3.14
CA TRP A 9 -4.65 1.27 2.44
C TRP A 9 -4.95 2.76 2.29
N GLY A 10 -4.44 3.57 3.18
CA GLY A 10 -4.71 5.04 3.09
C GLY A 10 -3.39 5.80 3.08
N GLY A 1 -4.54 2.93 -4.69
CA GLY A 1 -5.22 1.91 -3.83
C GLY A 1 -4.21 1.35 -2.83
N TYR A 2 -3.93 0.07 -2.90
CA TYR A 2 -2.95 -0.53 -1.97
C TYR A 2 -1.54 -0.39 -2.54
N ASP A 3 -0.53 -0.36 -1.70
CA ASP A 3 0.85 -0.23 -2.21
C ASP A 3 1.69 -1.42 -1.70
N PRO A 4 2.18 -2.22 -2.63
CA PRO A 4 2.99 -3.39 -2.28
C PRO A 4 4.43 -2.96 -1.94
N GLU A 5 4.75 -1.71 -2.17
CA GLU A 5 6.12 -1.22 -1.85
C GLU A 5 6.25 -1.02 -0.34
N THR A 6 5.21 -0.53 0.29
CA THR A 6 5.26 -0.32 1.76
C THR A 6 4.20 -1.20 2.42
N GLY A 7 2.97 -1.08 2.02
CA GLY A 7 1.89 -1.91 2.62
C GLY A 7 0.98 -1.03 3.48
N THR A 8 0.00 -0.41 2.86
CA THR A 8 -0.92 0.45 3.64
C THR A 8 -2.25 0.59 2.90
N TRP A 9 -3.30 0.78 3.62
CA TRP A 9 -4.62 0.92 2.98
C TRP A 9 -5.03 2.39 2.92
N GLY A 10 -4.51 3.13 1.97
CA GLY A 10 -4.86 4.57 1.87
C GLY A 10 -4.80 5.00 0.40
#